data_1ML2
#
_entry.id   1ML2
#
_cell.length_a   50.487
_cell.length_b   50.998
_cell.length_c   118.759
_cell.angle_alpha   90.00
_cell.angle_beta   90.00
_cell.angle_gamma   90.00
#
_symmetry.space_group_name_H-M   'P 21 21 21'
#
loop_
_entity.id
_entity.type
_entity.pdbx_description
1 polymer 'Cytochrome c Peroxidase'
2 non-polymer '20-OXO-PROTOPORPHYRIN IX CONTAINING ZN(II)'
3 water water
#
_entity_poly.entity_id   1
_entity_poly.type   'polypeptide(L)'
_entity_poly.pdbx_seq_one_letter_code
;TTPLVHVASVEKGRSYEDFQKVYNAIALKLREDDEYDNYIGYGPVLVRLAWYTSGTWDKHDNTGGSYGGTYRFKKEFNDP
SNAGLQNGFKFLEPIHKEFPWISSGDLFSLGGVTAVQEMQGPKIPWRCGRVDTPEDTTPDNGRLPDADKDADYVRTFFQR
LNMNDREVVALMGAHALGKTHLKNSGYEGPWGAANNVFTNEFYLNLLNEDWKLEKNDANNEQWDSKSGYMMLPTDYSLIQ
DPKYLSIVKEYANDQDKFFKDFSKAFEKLLENGITFPKDAPSPFIFKTLEEQGL
;
_entity_poly.pdbx_strand_id   A
#
loop_
_chem_comp.id
_chem_comp.type
_chem_comp.name
_chem_comp.formula
ZEM non-polymer '20-OXO-PROTOPORPHYRIN IX CONTAINING ZN(II)' 'C34 H32 N4 O5 Zn'
#
# COMPACT_ATOMS: atom_id res chain seq x y z
N THR A 1 20.31 9.47 -16.24
CA THR A 1 20.72 10.79 -16.80
C THR A 1 19.72 11.88 -16.45
N THR A 2 19.31 12.66 -17.44
CA THR A 2 18.35 13.73 -17.22
C THR A 2 17.00 13.13 -16.83
N PRO A 3 16.23 13.82 -15.98
CA PRO A 3 14.93 13.32 -15.55
C PRO A 3 14.08 12.87 -16.75
N LEU A 4 13.44 11.71 -16.61
CA LEU A 4 12.61 11.18 -17.68
C LEU A 4 11.12 11.41 -17.42
N VAL A 5 10.37 11.65 -18.49
CA VAL A 5 8.94 11.89 -18.38
C VAL A 5 8.18 10.62 -18.75
N HIS A 6 7.25 10.22 -17.89
CA HIS A 6 6.46 9.01 -18.12
C HIS A 6 5.01 9.36 -18.40
N VAL A 7 4.62 9.28 -19.66
CA VAL A 7 3.27 9.60 -20.07
C VAL A 7 2.39 8.35 -20.09
N ALA A 8 1.28 8.40 -19.37
CA ALA A 8 0.35 7.28 -19.32
C ALA A 8 -0.18 7.00 -20.73
N SER A 9 -0.15 5.73 -21.12
CA SER A 9 -0.64 5.32 -22.43
C SER A 9 -1.61 4.17 -22.24
N VAL A 10 -2.89 4.45 -22.47
CA VAL A 10 -3.93 3.44 -22.31
C VAL A 10 -3.63 2.18 -23.11
N GLU A 11 -3.72 1.02 -22.46
CA GLU A 11 -3.48 -0.23 -23.15
C GLU A 11 -4.37 -0.25 -24.39
N LYS A 12 -3.75 -0.47 -25.54
CA LYS A 12 -4.43 -0.48 -26.83
C LYS A 12 -5.82 -1.12 -26.85
N GLY A 13 -6.83 -0.31 -27.17
CA GLY A 13 -8.19 -0.79 -27.26
C GLY A 13 -8.90 -1.20 -25.98
N ARG A 14 -8.33 -0.82 -24.83
CA ARG A 14 -8.93 -1.16 -23.55
C ARG A 14 -9.76 -0.02 -22.98
N SER A 15 -10.86 -0.37 -22.30
CA SER A 15 -11.74 0.63 -21.71
C SER A 15 -12.08 0.23 -20.27
N TYR A 16 -12.87 1.07 -19.60
CA TYR A 16 -13.27 0.80 -18.23
C TYR A 16 -13.72 -0.64 -18.02
N GLU A 17 -14.60 -1.12 -18.90
CA GLU A 17 -15.11 -2.49 -18.80
C GLU A 17 -14.00 -3.52 -18.66
N ASP A 18 -12.95 -3.39 -19.48
CA ASP A 18 -11.83 -4.33 -19.43
C ASP A 18 -11.18 -4.35 -18.04
N PHE A 19 -10.96 -3.18 -17.48
CA PHE A 19 -10.33 -3.08 -16.17
C PHE A 19 -11.23 -3.54 -15.02
N GLN A 20 -12.54 -3.36 -15.17
CA GLN A 20 -13.46 -3.81 -14.12
C GLN A 20 -13.40 -5.33 -14.10
N LYS A 21 -13.16 -5.93 -15.26
CA LYS A 21 -13.07 -7.38 -15.35
C LYS A 21 -11.82 -7.86 -14.62
N VAL A 22 -10.74 -7.09 -14.73
CA VAL A 22 -9.49 -7.43 -14.05
C VAL A 22 -9.72 -7.28 -12.55
N TYR A 23 -10.38 -6.19 -12.16
CA TYR A 23 -10.70 -5.93 -10.75
C TYR A 23 -11.48 -7.13 -10.23
N ASN A 24 -12.52 -7.51 -10.96
CA ASN A 24 -13.36 -8.63 -10.56
C ASN A 24 -12.56 -9.93 -10.38
N ALA A 25 -11.61 -10.18 -11.29
CA ALA A 25 -10.79 -11.38 -11.19
C ALA A 25 -10.00 -11.36 -9.88
N ILE A 26 -9.40 -10.21 -9.59
CA ILE A 26 -8.61 -10.05 -8.37
C ILE A 26 -9.53 -10.26 -7.16
N ALA A 27 -10.66 -9.59 -7.17
CA ALA A 27 -11.63 -9.66 -6.07
C ALA A 27 -12.16 -11.09 -5.86
N LEU A 28 -12.37 -11.81 -6.95
CA LEU A 28 -12.86 -13.18 -6.86
C LEU A 28 -11.79 -14.09 -6.28
N LYS A 29 -10.53 -13.87 -6.65
CA LYS A 29 -9.45 -14.69 -6.12
C LYS A 29 -9.22 -14.37 -4.64
N LEU A 30 -9.42 -13.11 -4.25
CA LEU A 30 -9.26 -12.71 -2.86
C LEU A 30 -10.27 -13.48 -2.01
N ARG A 31 -11.46 -13.66 -2.56
CA ARG A 31 -12.53 -14.37 -1.89
C ARG A 31 -12.21 -15.86 -1.81
N GLU A 32 -11.67 -16.41 -2.90
CA GLU A 32 -11.33 -17.82 -3.00
C GLU A 32 -10.18 -18.30 -2.13
N ASP A 33 -9.06 -17.58 -2.15
CA ASP A 33 -7.88 -17.95 -1.36
C ASP A 33 -8.00 -17.37 0.04
N ASP A 34 -9.02 -17.83 0.75
CA ASP A 34 -9.32 -17.36 2.11
C ASP A 34 -8.43 -17.84 3.25
N GLU A 35 -7.69 -18.92 3.06
CA GLU A 35 -6.87 -19.47 4.12
C GLU A 35 -5.50 -18.83 4.31
N TYR A 36 -5.03 -18.12 3.30
CA TYR A 36 -3.72 -17.49 3.36
C TYR A 36 -3.46 -16.70 4.65
N ASP A 37 -2.27 -16.89 5.20
CA ASP A 37 -1.83 -16.21 6.42
C ASP A 37 -2.82 -16.36 7.57
N ASN A 38 -3.11 -17.62 7.93
CA ASN A 38 -4.04 -17.92 9.01
C ASN A 38 -5.37 -17.20 8.85
N TYR A 39 -5.91 -17.33 7.64
CA TYR A 39 -7.20 -16.76 7.25
C TYR A 39 -7.35 -15.25 7.19
N ILE A 40 -6.23 -14.53 7.13
CA ILE A 40 -6.30 -13.09 6.99
C ILE A 40 -6.66 -12.82 5.53
N GLY A 41 -6.16 -13.68 4.64
CA GLY A 41 -6.43 -13.49 3.22
C GLY A 41 -5.33 -12.63 2.62
N TYR A 42 -5.30 -12.54 1.29
CA TYR A 42 -4.28 -11.78 0.57
C TYR A 42 -4.49 -10.27 0.46
N GLY A 43 -5.59 -9.77 0.99
CA GLY A 43 -5.86 -8.34 0.89
C GLY A 43 -4.74 -7.44 1.39
N PRO A 44 -4.32 -7.62 2.65
CA PRO A 44 -3.25 -6.80 3.22
C PRO A 44 -1.93 -6.82 2.45
N VAL A 45 -1.45 -8.01 2.10
CA VAL A 45 -0.18 -8.07 1.37
C VAL A 45 -0.27 -7.42 -0.01
N LEU A 46 -1.47 -7.40 -0.60
CA LEU A 46 -1.63 -6.77 -1.91
C LEU A 46 -1.56 -5.24 -1.76
N VAL A 47 -2.09 -4.74 -0.65
CA VAL A 47 -2.04 -3.31 -0.39
C VAL A 47 -0.58 -2.95 -0.13
N ARG A 48 0.11 -3.78 0.65
CA ARG A 48 1.52 -3.54 0.93
C ARG A 48 2.32 -3.51 -0.37
N LEU A 49 2.05 -4.46 -1.25
CA LEU A 49 2.76 -4.53 -2.53
C LEU A 49 2.55 -3.27 -3.35
N ALA A 50 1.32 -2.78 -3.39
CA ALA A 50 1.02 -1.57 -4.13
C ALA A 50 1.79 -0.39 -3.55
N TRP A 51 1.82 -0.30 -2.23
CA TRP A 51 2.52 0.80 -1.57
C TRP A 51 4.03 0.69 -1.77
N TYR A 52 4.57 -0.50 -1.60
CA TYR A 52 6.00 -0.72 -1.71
C TYR A 52 6.53 -0.38 -3.11
N THR A 53 5.88 -0.92 -4.15
CA THR A 53 6.31 -0.65 -5.51
C THR A 53 6.22 0.84 -5.84
N SER A 54 5.14 1.49 -5.40
CA SER A 54 5.00 2.93 -5.67
C SER A 54 5.96 3.74 -4.79
N GLY A 55 6.22 3.22 -3.60
CA GLY A 55 7.10 3.87 -2.65
C GLY A 55 8.56 3.96 -3.06
N THR A 56 8.90 3.30 -4.16
CA THR A 56 10.28 3.31 -4.65
C THR A 56 10.56 4.62 -5.37
N TRP A 57 9.51 5.39 -5.62
CA TRP A 57 9.61 6.66 -6.33
C TRP A 57 10.47 7.71 -5.64
N ASP A 58 11.14 8.52 -6.45
CA ASP A 58 11.99 9.61 -5.97
C ASP A 58 11.61 10.85 -6.80
N LYS A 59 10.97 11.83 -6.15
CA LYS A 59 10.55 13.04 -6.84
C LYS A 59 11.68 13.83 -7.48
N HIS A 60 12.89 13.69 -6.95
CA HIS A 60 14.02 14.45 -7.47
C HIS A 60 14.43 14.12 -8.90
N ASP A 61 14.37 12.85 -9.29
CA ASP A 61 14.75 12.45 -10.64
C ASP A 61 13.70 11.58 -11.32
N ASN A 62 12.54 11.50 -10.70
CA ASN A 62 11.42 10.70 -11.20
C ASN A 62 11.77 9.26 -11.52
N THR A 63 12.63 8.66 -10.70
CA THR A 63 13.01 7.28 -10.87
C THR A 63 12.12 6.46 -9.94
N GLY A 64 11.86 5.21 -10.30
CA GLY A 64 11.02 4.39 -9.46
C GLY A 64 9.55 4.73 -9.63
N GLY A 65 8.73 4.33 -8.68
CA GLY A 65 7.31 4.60 -8.78
C GLY A 65 6.62 3.42 -9.43
N SER A 66 5.31 3.51 -9.61
CA SER A 66 4.53 2.43 -10.19
C SER A 66 4.56 2.33 -11.71
N TYR A 67 4.92 3.42 -12.38
CA TYR A 67 4.92 3.45 -13.84
C TYR A 67 5.53 2.26 -14.60
N GLY A 68 6.82 2.01 -14.39
CA GLY A 68 7.49 0.94 -15.11
C GLY A 68 7.14 -0.50 -14.78
N GLY A 69 6.65 -0.72 -13.57
CA GLY A 69 6.29 -2.08 -13.16
C GLY A 69 7.45 -3.05 -13.23
N THR A 70 8.66 -2.53 -13.24
CA THR A 70 9.85 -3.38 -13.32
C THR A 70 10.80 -3.09 -12.16
N TYR A 71 11.01 -4.09 -11.31
CA TYR A 71 11.88 -3.91 -10.14
C TYR A 71 12.89 -5.03 -9.93
N ARG A 72 13.88 -4.71 -9.08
CA ARG A 72 14.95 -5.62 -8.72
C ARG A 72 14.94 -5.63 -7.19
N PHE A 73 14.36 -6.66 -6.59
CA PHE A 73 14.29 -6.74 -5.13
C PHE A 73 15.53 -7.30 -4.46
N LYS A 74 16.05 -6.54 -3.52
CA LYS A 74 17.24 -6.91 -2.76
C LYS A 74 17.16 -8.33 -2.21
N LYS A 75 18.21 -9.11 -2.46
CA LYS A 75 18.29 -10.49 -1.99
C LYS A 75 17.10 -11.37 -2.40
N GLU A 76 16.46 -11.03 -3.51
CA GLU A 76 15.32 -11.81 -4.00
C GLU A 76 14.30 -12.08 -2.90
N PHE A 77 13.90 -11.02 -2.20
CA PHE A 77 12.92 -11.11 -1.13
C PHE A 77 13.45 -11.75 0.16
N ASN A 78 14.74 -12.02 0.22
CA ASN A 78 15.33 -12.61 1.42
C ASN A 78 15.98 -11.51 2.26
N ASP A 79 15.28 -10.40 2.39
CA ASP A 79 15.76 -9.26 3.17
C ASP A 79 14.60 -8.78 4.04
N PRO A 80 14.90 -8.30 5.25
CA PRO A 80 13.81 -7.83 6.12
C PRO A 80 13.00 -6.67 5.54
N SER A 81 13.55 -6.00 4.54
CA SER A 81 12.86 -4.87 3.92
C SER A 81 11.73 -5.27 2.99
N ASN A 82 11.92 -6.36 2.26
CA ASN A 82 10.93 -6.81 1.28
C ASN A 82 10.38 -8.23 1.45
N ALA A 83 10.87 -8.97 2.45
CA ALA A 83 10.39 -10.33 2.69
C ALA A 83 8.88 -10.37 2.85
N GLY A 84 8.23 -11.24 2.08
CA GLY A 84 6.79 -11.37 2.15
C GLY A 84 6.08 -10.86 0.91
N LEU A 85 6.69 -9.88 0.24
CA LEU A 85 6.09 -9.33 -0.96
C LEU A 85 5.92 -10.36 -2.07
N GLN A 86 6.74 -11.39 -2.06
CA GLN A 86 6.64 -12.41 -3.10
C GLN A 86 5.27 -13.07 -3.08
N ASN A 87 4.61 -13.03 -1.92
CA ASN A 87 3.28 -13.62 -1.81
C ASN A 87 2.29 -12.84 -2.66
N GLY A 88 2.45 -11.51 -2.70
CA GLY A 88 1.55 -10.70 -3.49
C GLY A 88 1.77 -10.94 -4.98
N PHE A 89 3.04 -11.02 -5.38
CA PHE A 89 3.35 -11.27 -6.78
C PHE A 89 2.86 -12.64 -7.22
N LYS A 90 2.98 -13.63 -6.34
CA LYS A 90 2.52 -14.98 -6.67
C LYS A 90 1.00 -14.98 -6.86
N PHE A 91 0.30 -14.21 -6.02
CA PHE A 91 -1.15 -14.11 -6.11
C PHE A 91 -1.58 -13.49 -7.44
N LEU A 92 -0.86 -12.47 -7.87
CA LEU A 92 -1.20 -11.77 -9.11
C LEU A 92 -0.80 -12.47 -10.41
N GLU A 93 0.14 -13.41 -10.33
CA GLU A 93 0.58 -14.11 -11.54
C GLU A 93 -0.58 -14.67 -12.35
N PRO A 94 -1.46 -15.46 -11.72
CA PRO A 94 -2.61 -16.04 -12.43
C PRO A 94 -3.50 -14.97 -13.06
N ILE A 95 -3.59 -13.83 -12.40
CA ILE A 95 -4.41 -12.74 -12.91
C ILE A 95 -3.81 -12.19 -14.19
N HIS A 96 -2.48 -12.02 -14.19
CA HIS A 96 -1.78 -11.49 -15.36
C HIS A 96 -1.88 -12.46 -16.53
N LYS A 97 -1.94 -13.76 -16.23
CA LYS A 97 -2.05 -14.76 -17.28
C LYS A 97 -3.42 -14.69 -17.94
N GLU A 98 -4.45 -14.44 -17.13
CA GLU A 98 -5.81 -14.35 -17.67
C GLU A 98 -5.98 -13.07 -18.46
N PHE A 99 -5.28 -12.02 -18.06
CA PHE A 99 -5.34 -10.73 -18.75
C PHE A 99 -3.93 -10.30 -19.11
N PRO A 100 -3.31 -10.96 -20.10
CA PRO A 100 -1.95 -10.64 -20.52
C PRO A 100 -1.72 -9.22 -21.05
N TRP A 101 -2.80 -8.57 -21.49
CA TRP A 101 -2.71 -7.23 -22.04
C TRP A 101 -2.47 -6.11 -21.03
N ILE A 102 -2.75 -6.34 -19.76
CA ILE A 102 -2.55 -5.28 -18.76
C ILE A 102 -1.08 -5.14 -18.40
N SER A 103 -0.63 -3.89 -18.22
CA SER A 103 0.77 -3.65 -17.87
C SER A 103 1.01 -4.10 -16.43
N SER A 104 2.26 -4.37 -16.09
CA SER A 104 2.61 -4.81 -14.76
C SER A 104 2.32 -3.73 -13.72
N GLY A 105 2.63 -2.49 -14.07
CA GLY A 105 2.37 -1.38 -13.15
C GLY A 105 0.89 -1.25 -12.88
N ASP A 106 0.08 -1.35 -13.92
CA ASP A 106 -1.36 -1.24 -13.74
C ASP A 106 -1.87 -2.38 -12.86
N LEU A 107 -1.34 -3.58 -13.06
CA LEU A 107 -1.77 -4.73 -12.27
C LEU A 107 -1.39 -4.60 -10.80
N PHE A 108 -0.13 -4.24 -10.53
CA PHE A 108 0.33 -4.10 -9.15
C PHE A 108 -0.49 -3.05 -8.39
N SER A 109 -0.68 -1.89 -9.00
CA SER A 109 -1.44 -0.83 -8.34
C SER A 109 -2.92 -1.19 -8.22
N LEU A 110 -3.49 -1.78 -9.27
CA LEU A 110 -4.89 -2.16 -9.25
C LEU A 110 -5.14 -3.21 -8.15
N GLY A 111 -4.12 -4.02 -7.89
CA GLY A 111 -4.25 -5.03 -6.84
C GLY A 111 -4.49 -4.35 -5.51
N GLY A 112 -3.77 -3.26 -5.27
CA GLY A 112 -3.91 -2.53 -4.02
C GLY A 112 -5.28 -1.89 -3.91
N VAL A 113 -5.72 -1.25 -5.00
CA VAL A 113 -7.03 -0.61 -5.02
C VAL A 113 -8.14 -1.63 -4.80
N THR A 114 -8.05 -2.75 -5.51
CA THR A 114 -9.04 -3.80 -5.37
C THR A 114 -9.11 -4.31 -3.94
N ALA A 115 -7.96 -4.58 -3.35
CA ALA A 115 -7.92 -5.08 -1.97
C ALA A 115 -8.58 -4.12 -0.98
N VAL A 116 -8.25 -2.84 -1.09
CA VAL A 116 -8.83 -1.85 -0.18
C VAL A 116 -10.35 -1.83 -0.29
N GLN A 117 -10.87 -1.76 -1.51
CA GLN A 117 -12.32 -1.72 -1.70
C GLN A 117 -13.04 -2.98 -1.26
N GLU A 118 -12.49 -4.14 -1.61
CA GLU A 118 -13.12 -5.40 -1.25
C GLU A 118 -13.12 -5.60 0.27
N MET A 119 -12.15 -4.98 0.95
CA MET A 119 -12.09 -5.08 2.40
C MET A 119 -12.90 -3.96 3.07
N GLN A 120 -13.88 -3.45 2.32
CA GLN A 120 -14.80 -2.41 2.81
C GLN A 120 -14.21 -1.03 3.01
N GLY A 121 -13.09 -0.77 2.35
CA GLY A 121 -12.45 0.53 2.46
C GLY A 121 -13.10 1.54 1.53
N PRO A 122 -12.52 2.73 1.43
CA PRO A 122 -13.05 3.78 0.56
C PRO A 122 -12.81 3.48 -0.91
N LYS A 123 -13.66 4.04 -1.77
CA LYS A 123 -13.46 3.86 -3.21
C LYS A 123 -12.20 4.64 -3.52
N ILE A 124 -11.34 4.07 -4.35
CA ILE A 124 -10.10 4.73 -4.72
C ILE A 124 -10.04 4.91 -6.23
N PRO A 125 -10.17 6.15 -6.73
CA PRO A 125 -10.11 6.35 -8.19
C PRO A 125 -8.79 5.79 -8.67
N TRP A 126 -8.81 5.13 -9.82
CA TRP A 126 -7.61 4.53 -10.38
C TRP A 126 -7.53 4.81 -11.88
N ARG A 127 -6.33 5.09 -12.36
CA ARG A 127 -6.13 5.39 -13.77
C ARG A 127 -5.19 4.38 -14.41
N CYS A 128 -5.50 3.98 -15.64
CA CYS A 128 -4.68 3.03 -16.37
C CYS A 128 -3.65 3.78 -17.21
N GLY A 129 -2.76 3.05 -17.86
CA GLY A 129 -1.77 3.71 -18.70
C GLY A 129 -0.31 3.50 -18.33
N ARG A 130 -0.04 2.82 -17.23
CA ARG A 130 1.34 2.56 -16.85
C ARG A 130 1.92 1.66 -17.95
N VAL A 131 3.16 1.91 -18.33
CA VAL A 131 3.81 1.13 -19.38
C VAL A 131 5.04 0.38 -18.89
N ASP A 132 5.07 -0.92 -19.13
CA ASP A 132 6.20 -1.74 -18.70
C ASP A 132 7.49 -1.21 -19.29
N THR A 133 8.52 -1.10 -18.47
CA THR A 133 9.80 -0.59 -18.92
C THR A 133 10.93 -1.56 -18.64
N PRO A 134 10.97 -2.70 -19.34
CA PRO A 134 12.06 -3.64 -19.09
C PRO A 134 13.30 -2.89 -19.57
N GLU A 135 14.48 -3.28 -19.11
CA GLU A 135 15.73 -2.61 -19.50
C GLU A 135 15.94 -1.35 -18.64
N ASP A 136 14.90 -0.95 -17.93
CA ASP A 136 14.98 0.21 -17.02
C ASP A 136 14.33 -0.21 -15.72
N THR A 137 15.06 -1.00 -14.94
CA THR A 137 14.55 -1.51 -13.66
C THR A 137 14.95 -0.64 -12.48
N THR A 138 14.11 -0.68 -11.44
CA THR A 138 14.35 0.09 -10.23
C THR A 138 14.63 -0.84 -9.06
N PRO A 139 15.87 -0.84 -8.55
CA PRO A 139 16.21 -1.69 -7.40
C PRO A 139 15.53 -1.06 -6.19
N ASP A 140 15.03 -1.87 -5.26
CA ASP A 140 14.37 -1.32 -4.08
C ASP A 140 15.36 -0.96 -2.99
N ASN A 141 16.61 -1.39 -3.15
CA ASN A 141 17.66 -1.14 -2.17
C ASN A 141 17.65 0.25 -1.56
N GLY A 142 17.41 0.31 -0.25
CA GLY A 142 17.39 1.56 0.48
C GLY A 142 16.38 2.62 0.09
N ARG A 143 15.40 2.25 -0.73
CA ARG A 143 14.40 3.22 -1.17
C ARG A 143 13.14 3.27 -0.30
N LEU A 144 12.89 2.20 0.46
CA LEU A 144 11.72 2.17 1.34
C LEU A 144 12.17 2.48 2.77
N PRO A 145 11.23 2.95 3.62
CA PRO A 145 11.53 3.31 5.02
C PRO A 145 11.86 2.21 6.02
N ASP A 146 12.72 2.56 6.98
CA ASP A 146 13.09 1.65 8.06
C ASP A 146 12.01 1.81 9.12
N ALA A 147 11.72 0.74 9.84
CA ALA A 147 10.69 0.78 10.88
C ALA A 147 11.21 1.18 12.25
N ASP A 148 12.53 1.13 12.43
CA ASP A 148 13.14 1.47 13.72
C ASP A 148 13.59 2.93 13.76
N LYS A 149 12.71 3.82 13.32
CA LYS A 149 13.04 5.25 13.30
C LYS A 149 12.00 6.10 14.01
N ASP A 150 12.26 7.40 14.11
CA ASP A 150 11.34 8.33 14.77
C ASP A 150 10.53 9.19 13.82
N ALA A 151 9.78 10.13 14.39
CA ALA A 151 8.94 11.04 13.62
C ALA A 151 9.72 11.89 12.63
N ASP A 152 10.87 12.42 13.06
CA ASP A 152 11.66 13.25 12.15
C ASP A 152 12.07 12.46 10.91
N TYR A 153 12.42 11.19 11.10
CA TYR A 153 12.82 10.32 10.00
C TYR A 153 11.63 10.11 9.06
N VAL A 154 10.48 9.80 9.64
CA VAL A 154 9.27 9.55 8.85
C VAL A 154 8.90 10.78 8.03
N ARG A 155 8.90 11.94 8.67
CA ARG A 155 8.55 13.18 7.99
C ARG A 155 9.50 13.44 6.82
N THR A 156 10.79 13.35 7.07
CA THR A 156 11.79 13.56 6.03
C THR A 156 11.69 12.52 4.92
N PHE A 157 11.52 11.25 5.29
CA PHE A 157 11.41 10.20 4.30
C PHE A 157 10.30 10.47 3.29
N PHE A 158 9.10 10.72 3.79
CA PHE A 158 7.96 10.95 2.91
C PHE A 158 8.02 12.21 2.07
N GLN A 159 8.94 13.11 2.38
CA GLN A 159 9.06 14.31 1.55
C GLN A 159 9.56 13.88 0.17
N ARG A 160 10.27 12.76 0.12
CA ARG A 160 10.79 12.26 -1.15
C ARG A 160 9.64 11.77 -2.04
N LEU A 161 8.53 11.40 -1.40
CA LEU A 161 7.35 10.93 -2.12
C LEU A 161 6.34 12.06 -2.25
N ASN A 162 6.78 13.27 -1.92
CA ASN A 162 5.95 14.48 -1.98
C ASN A 162 4.68 14.39 -1.14
N MET A 163 4.81 13.81 0.05
CA MET A 163 3.67 13.67 0.95
C MET A 163 3.85 14.59 2.17
N ASN A 164 2.78 15.26 2.58
CA ASN A 164 2.85 16.14 3.75
C ASN A 164 2.39 15.40 5.01
N ASP A 165 2.32 16.11 6.13
CA ASP A 165 1.91 15.49 7.40
C ASP A 165 0.58 14.75 7.33
N ARG A 166 -0.45 15.40 6.81
CA ARG A 166 -1.76 14.76 6.72
C ARG A 166 -1.73 13.54 5.81
N GLU A 167 -1.03 13.65 4.70
CA GLU A 167 -0.93 12.54 3.76
C GLU A 167 -0.21 11.35 4.37
N VAL A 168 0.83 11.62 5.15
CA VAL A 168 1.60 10.57 5.81
C VAL A 168 0.75 9.83 6.85
N VAL A 169 0.08 10.58 7.72
CA VAL A 169 -0.75 9.98 8.76
C VAL A 169 -1.90 9.20 8.15
N ALA A 170 -2.51 9.73 7.09
CA ALA A 170 -3.59 9.03 6.43
C ALA A 170 -3.12 7.71 5.81
N LEU A 171 -1.99 7.76 5.11
CA LEU A 171 -1.47 6.54 4.49
C LEU A 171 -1.14 5.47 5.51
N MET A 172 -0.61 5.86 6.66
CA MET A 172 -0.23 4.89 7.69
C MET A 172 -1.43 4.13 8.25
N GLY A 173 -2.63 4.67 8.03
CA GLY A 173 -3.84 4.03 8.52
C GLY A 173 -4.03 2.66 7.89
N ALA A 174 -3.31 2.40 6.81
CA ALA A 174 -3.40 1.13 6.12
C ALA A 174 -2.90 0.00 7.01
N HIS A 175 -2.15 0.36 8.06
CA HIS A 175 -1.64 -0.65 8.98
C HIS A 175 -2.76 -1.27 9.81
N ALA A 176 -3.99 -0.86 9.55
CA ALA A 176 -5.11 -1.48 10.22
C ALA A 176 -5.16 -2.88 9.63
N LEU A 177 -4.58 -3.01 8.43
CA LEU A 177 -4.57 -4.27 7.68
C LEU A 177 -3.37 -5.19 7.90
N GLY A 178 -3.64 -6.48 7.91
CA GLY A 178 -2.58 -7.47 8.06
C GLY A 178 -1.81 -7.49 9.35
N LYS A 179 -0.53 -7.80 9.24
CA LYS A 179 0.32 -7.87 10.43
C LYS A 179 1.79 -7.95 10.04
N THR A 180 2.66 -7.84 11.05
CA THR A 180 4.09 -7.98 10.81
C THR A 180 4.36 -9.44 11.10
N HIS A 181 5.29 -10.04 10.36
CA HIS A 181 5.65 -11.45 10.54
C HIS A 181 7.13 -11.49 10.91
N LEU A 182 7.45 -12.06 12.07
CA LEU A 182 8.83 -12.10 12.54
C LEU A 182 9.84 -12.55 11.49
N LYS A 183 9.53 -13.62 10.76
CA LYS A 183 10.45 -14.14 9.74
C LYS A 183 10.59 -13.26 8.51
N ASN A 184 9.67 -12.32 8.35
CA ASN A 184 9.73 -11.41 7.21
C ASN A 184 10.53 -10.15 7.51
N SER A 185 10.02 -9.36 8.46
CA SER A 185 10.61 -8.08 8.81
C SER A 185 11.34 -7.98 10.14
N GLY A 186 11.21 -8.99 10.99
CA GLY A 186 11.85 -8.93 12.29
C GLY A 186 10.94 -8.27 13.30
N TYR A 187 9.65 -8.20 12.96
CA TYR A 187 8.62 -7.63 13.82
C TYR A 187 7.47 -8.64 13.84
N GLU A 188 6.78 -8.75 14.96
CA GLU A 188 5.69 -9.72 15.04
C GLU A 188 4.42 -9.24 15.70
N GLY A 189 3.29 -9.41 15.00
CA GLY A 189 2.01 -9.02 15.55
C GLY A 189 1.16 -8.13 14.69
N PRO A 190 -0.16 -8.17 14.87
CA PRO A 190 -1.09 -7.35 14.09
C PRO A 190 -1.23 -5.99 14.78
N TRP A 191 -1.66 -4.99 14.03
CA TRP A 191 -1.86 -3.65 14.57
C TRP A 191 -3.24 -3.54 15.20
N GLY A 192 -4.14 -4.46 14.83
CA GLY A 192 -5.49 -4.43 15.35
C GLY A 192 -6.20 -5.76 15.34
N ALA A 193 -7.51 -5.73 15.57
CA ALA A 193 -8.34 -6.92 15.62
C ALA A 193 -8.93 -7.36 14.28
N ALA A 194 -9.38 -6.40 13.47
CA ALA A 194 -9.99 -6.70 12.17
C ALA A 194 -8.96 -6.59 11.05
N ASN A 195 -8.05 -7.55 11.04
CA ASN A 195 -6.96 -7.66 10.08
C ASN A 195 -7.29 -7.54 8.61
N ASN A 196 -8.52 -7.89 8.21
CA ASN A 196 -8.87 -7.80 6.81
C ASN A 196 -10.08 -6.94 6.50
N VAL A 197 -10.34 -5.98 7.37
CA VAL A 197 -11.42 -5.04 7.16
C VAL A 197 -10.80 -3.66 7.31
N PHE A 198 -10.98 -2.84 6.28
CA PHE A 198 -10.40 -1.49 6.29
C PHE A 198 -11.24 -0.53 7.13
N THR A 199 -10.67 -0.06 8.23
CA THR A 199 -11.34 0.88 9.13
C THR A 199 -10.27 1.82 9.70
N ASN A 200 -10.67 2.74 10.57
CA ASN A 200 -9.72 3.67 11.18
C ASN A 200 -9.19 3.12 12.51
N GLU A 201 -9.23 1.80 12.66
CA GLU A 201 -8.79 1.13 13.88
C GLU A 201 -7.36 1.45 14.30
N PHE A 202 -6.49 1.65 13.32
CA PHE A 202 -5.09 1.96 13.57
C PHE A 202 -4.96 3.15 14.52
N TYR A 203 -5.70 4.22 14.25
CA TYR A 203 -5.65 5.41 15.09
C TYR A 203 -6.28 5.20 16.46
N LEU A 204 -7.40 4.48 16.51
CA LEU A 204 -8.05 4.22 17.77
C LEU A 204 -7.13 3.42 18.68
N ASN A 205 -6.47 2.41 18.12
CA ASN A 205 -5.57 1.58 18.93
C ASN A 205 -4.38 2.38 19.44
N LEU A 206 -3.82 3.25 18.59
CA LEU A 206 -2.69 4.07 19.01
C LEU A 206 -3.06 4.90 20.23
N LEU A 207 -4.24 5.49 20.21
CA LEU A 207 -4.71 6.35 21.29
C LEU A 207 -5.33 5.68 22.51
N ASN A 208 -6.04 4.59 22.30
CA ASN A 208 -6.74 3.90 23.38
C ASN A 208 -6.05 2.76 24.09
N GLU A 209 -5.15 2.06 23.40
CA GLU A 209 -4.46 0.93 24.01
C GLU A 209 -3.35 1.35 24.97
N ASP A 210 -2.97 0.44 25.85
CA ASP A 210 -1.89 0.67 26.80
C ASP A 210 -0.67 0.00 26.18
N TRP A 211 0.28 0.81 25.73
CA TRP A 211 1.47 0.29 25.08
C TRP A 211 2.70 0.19 25.95
N LYS A 212 3.53 -0.81 25.66
CA LYS A 212 4.78 -1.05 26.39
C LYS A 212 5.87 -1.34 25.37
N LEU A 213 6.96 -0.59 25.44
CA LEU A 213 8.06 -0.80 24.52
C LEU A 213 8.91 -1.97 25.02
N GLU A 214 9.16 -2.93 24.14
CA GLU A 214 9.95 -4.09 24.51
C GLU A 214 10.54 -4.79 23.30
N LYS A 215 11.48 -5.70 23.54
CA LYS A 215 12.11 -6.43 22.46
C LYS A 215 11.32 -7.68 22.07
N ASN A 216 11.25 -7.94 20.77
CA ASN A 216 10.53 -9.12 20.29
C ASN A 216 11.52 -10.26 20.16
N ASP A 217 11.07 -11.39 19.62
CA ASP A 217 11.95 -12.55 19.48
C ASP A 217 13.06 -12.39 18.44
N ALA A 218 13.16 -11.19 17.86
CA ALA A 218 14.20 -10.90 16.88
C ALA A 218 15.10 -9.81 17.48
N ASN A 219 14.86 -9.52 18.76
CA ASN A 219 15.61 -8.53 19.51
C ASN A 219 15.35 -7.09 19.06
N ASN A 220 14.30 -6.88 18.28
CA ASN A 220 13.95 -5.54 17.83
C ASN A 220 12.92 -4.95 18.77
N GLU A 221 12.96 -3.63 18.94
CA GLU A 221 12.01 -2.97 19.82
C GLU A 221 10.72 -2.67 19.09
N GLN A 222 9.60 -2.95 19.75
CA GLN A 222 8.29 -2.67 19.19
C GLN A 222 7.35 -2.42 20.36
N TRP A 223 6.27 -1.69 20.11
CA TRP A 223 5.30 -1.40 21.16
C TRP A 223 4.19 -2.45 21.18
N ASP A 224 3.99 -3.07 22.34
CA ASP A 224 2.97 -4.10 22.48
C ASP A 224 1.86 -3.69 23.45
N SER A 225 0.65 -4.16 23.18
CA SER A 225 -0.49 -3.88 24.04
C SER A 225 -1.03 -5.18 24.62
N LYS A 226 -1.74 -5.07 25.73
CA LYS A 226 -2.32 -6.23 26.41
C LYS A 226 -3.34 -6.95 25.52
N SER A 227 -3.88 -6.24 24.55
CA SER A 227 -4.87 -6.80 23.63
C SER A 227 -4.23 -7.71 22.59
N GLY A 228 -2.90 -7.71 22.53
CA GLY A 228 -2.20 -8.54 21.58
C GLY A 228 -1.87 -7.82 20.28
N TYR A 229 -1.87 -6.49 20.33
CA TYR A 229 -1.56 -5.69 19.15
C TYR A 229 -0.14 -5.16 19.27
N MET A 230 0.39 -4.63 18.18
CA MET A 230 1.72 -4.06 18.19
C MET A 230 1.78 -2.82 17.31
N MET A 231 2.83 -2.02 17.50
CA MET A 231 3.06 -0.82 16.72
C MET A 231 4.56 -0.71 16.47
N LEU A 232 4.94 -0.40 15.25
CA LEU A 232 6.35 -0.24 14.91
C LEU A 232 6.78 1.08 15.53
N PRO A 233 8.09 1.28 15.71
CA PRO A 233 8.51 2.56 16.29
C PRO A 233 8.03 3.72 15.43
N THR A 234 7.99 3.52 14.12
CA THR A 234 7.54 4.58 13.22
C THR A 234 6.04 4.83 13.37
N ASP A 235 5.27 3.80 13.68
CA ASP A 235 3.83 3.99 13.88
C ASP A 235 3.63 4.80 15.14
N TYR A 236 4.30 4.36 16.21
CA TYR A 236 4.20 5.01 17.49
C TYR A 236 4.67 6.47 17.45
N SER A 237 5.58 6.80 16.55
CA SER A 237 6.07 8.17 16.45
C SER A 237 4.94 9.14 16.08
N LEU A 238 3.86 8.62 15.51
CA LEU A 238 2.74 9.46 15.12
C LEU A 238 2.00 10.03 16.31
N ILE A 239 2.22 9.48 17.50
CA ILE A 239 1.58 10.04 18.69
C ILE A 239 2.61 10.69 19.60
N GLN A 240 3.89 10.60 19.22
CA GLN A 240 4.97 11.22 19.99
C GLN A 240 5.16 12.64 19.45
N ASP A 241 5.03 12.81 18.13
CA ASP A 241 5.17 14.10 17.48
C ASP A 241 3.83 14.82 17.63
N PRO A 242 3.84 16.06 18.15
CA PRO A 242 2.59 16.81 18.34
C PRO A 242 1.76 17.12 17.10
N LYS A 243 2.42 17.33 15.97
CA LYS A 243 1.71 17.64 14.73
C LYS A 243 1.01 16.38 14.21
N TYR A 244 1.72 15.26 14.24
CA TYR A 244 1.16 14.00 13.80
C TYR A 244 0.02 13.60 14.74
N LEU A 245 0.22 13.78 16.04
CA LEU A 245 -0.78 13.43 17.03
C LEU A 245 -2.14 14.06 16.78
N SER A 246 -2.17 15.34 16.44
CA SER A 246 -3.44 16.02 16.18
C SER A 246 -4.19 15.37 15.05
N ILE A 247 -3.47 14.95 14.02
CA ILE A 247 -4.08 14.32 12.86
C ILE A 247 -4.54 12.91 13.20
N VAL A 248 -3.77 12.21 14.02
CA VAL A 248 -4.16 10.86 14.44
C VAL A 248 -5.50 10.96 15.18
N LYS A 249 -5.62 11.98 16.02
CA LYS A 249 -6.85 12.18 16.77
C LYS A 249 -8.02 12.50 15.84
N GLU A 250 -7.74 13.28 14.80
CA GLU A 250 -8.77 13.64 13.85
C GLU A 250 -9.35 12.41 13.15
N TYR A 251 -8.46 11.54 12.68
CA TYR A 251 -8.90 10.33 11.99
C TYR A 251 -9.55 9.33 12.95
N ALA A 252 -9.10 9.33 14.20
CA ALA A 252 -9.67 8.42 15.19
C ALA A 252 -11.11 8.81 15.51
N ASN A 253 -11.44 10.07 15.25
CA ASN A 253 -12.78 10.57 15.54
C ASN A 253 -13.65 10.87 14.32
N ASP A 254 -13.18 10.51 13.14
CA ASP A 254 -13.97 10.77 11.94
C ASP A 254 -13.62 9.75 10.86
N GLN A 255 -14.39 8.67 10.81
CA GLN A 255 -14.16 7.61 9.84
C GLN A 255 -14.27 8.11 8.40
N ASP A 256 -15.28 8.94 8.13
CA ASP A 256 -15.45 9.46 6.77
C ASP A 256 -14.26 10.31 6.32
N LYS A 257 -13.78 11.18 7.20
CA LYS A 257 -12.65 12.03 6.86
C LYS A 257 -11.43 11.18 6.54
N PHE A 258 -11.19 10.15 7.36
CA PHE A 258 -10.06 9.27 7.10
C PHE A 258 -10.20 8.60 5.74
N PHE A 259 -11.39 8.07 5.45
CA PHE A 259 -11.61 7.41 4.16
C PHE A 259 -11.34 8.33 2.99
N LYS A 260 -11.86 9.55 3.05
CA LYS A 260 -11.66 10.49 1.95
C LYS A 260 -10.20 10.89 1.80
N ASP A 261 -9.53 11.15 2.91
CA ASP A 261 -8.12 11.53 2.86
C ASP A 261 -7.23 10.37 2.43
N PHE A 262 -7.54 9.16 2.90
CA PHE A 262 -6.74 8.01 2.50
C PHE A 262 -6.89 7.78 1.01
N SER A 263 -8.12 7.89 0.52
CA SER A 263 -8.40 7.69 -0.89
C SER A 263 -7.55 8.62 -1.77
N LYS A 264 -7.51 9.89 -1.41
CA LYS A 264 -6.73 10.86 -2.17
C LYS A 264 -5.24 10.56 -2.10
N ALA A 265 -4.75 10.32 -0.89
CA ALA A 265 -3.33 10.04 -0.68
C ALA A 265 -2.87 8.75 -1.35
N PHE A 266 -3.71 7.73 -1.33
CA PHE A 266 -3.34 6.45 -1.94
C PHE A 266 -3.32 6.56 -3.45
N GLU A 267 -4.30 7.27 -4.03
CA GLU A 267 -4.30 7.42 -5.47
C GLU A 267 -3.06 8.22 -5.85
N LYS A 268 -2.77 9.27 -5.10
CA LYS A 268 -1.60 10.11 -5.36
C LYS A 268 -0.33 9.25 -5.34
N LEU A 269 -0.21 8.41 -4.32
CA LEU A 269 0.95 7.52 -4.17
C LEU A 269 1.11 6.65 -5.40
N LEU A 270 0.01 6.02 -5.81
CA LEU A 270 0.03 5.13 -6.97
C LEU A 270 0.22 5.86 -8.30
N GLU A 271 0.07 7.18 -8.30
CA GLU A 271 0.22 7.95 -9.53
C GLU A 271 1.46 8.84 -9.60
N ASN A 272 2.24 8.89 -8.52
CA ASN A 272 3.45 9.71 -8.51
C ASN A 272 4.37 9.37 -9.68
N GLY A 273 4.87 10.40 -10.36
CA GLY A 273 5.77 10.20 -11.47
C GLY A 273 5.11 10.01 -12.82
N ILE A 274 3.79 9.89 -12.83
CA ILE A 274 3.05 9.69 -14.06
C ILE A 274 2.36 10.94 -14.57
N THR A 275 2.53 11.22 -15.85
CA THR A 275 1.92 12.36 -16.50
C THR A 275 0.69 11.86 -17.25
N PHE A 276 -0.47 12.45 -16.96
CA PHE A 276 -1.71 12.05 -17.61
C PHE A 276 -2.15 13.09 -18.63
N PRO A 277 -2.18 12.72 -19.92
CA PRO A 277 -2.59 13.65 -20.98
C PRO A 277 -3.92 14.30 -20.64
N LYS A 278 -4.11 15.52 -21.12
CA LYS A 278 -5.34 16.26 -20.87
C LYS A 278 -6.55 15.48 -21.39
N ASP A 279 -6.35 14.74 -22.47
CA ASP A 279 -7.42 13.97 -23.07
C ASP A 279 -7.43 12.50 -22.65
N ALA A 280 -6.75 12.20 -21.54
CA ALA A 280 -6.72 10.82 -21.05
C ALA A 280 -8.08 10.51 -20.44
N PRO A 281 -8.41 9.22 -20.30
CA PRO A 281 -9.70 8.86 -19.72
C PRO A 281 -9.81 9.38 -18.29
N SER A 282 -11.03 9.65 -17.83
CA SER A 282 -11.23 10.13 -16.48
C SER A 282 -10.89 8.95 -15.56
N PRO A 283 -10.53 9.23 -14.30
CA PRO A 283 -10.21 8.14 -13.39
C PRO A 283 -11.34 7.12 -13.27
N PHE A 284 -10.98 5.85 -13.17
CA PHE A 284 -11.96 4.78 -13.06
C PHE A 284 -12.33 4.54 -11.59
N ILE A 285 -13.62 4.39 -11.31
CA ILE A 285 -14.06 4.08 -9.96
C ILE A 285 -14.77 2.74 -10.10
N PHE A 286 -14.08 1.69 -9.71
CA PHE A 286 -14.62 0.34 -9.84
C PHE A 286 -15.67 -0.04 -8.81
N LYS A 287 -16.62 -0.85 -9.24
CA LYS A 287 -17.67 -1.32 -8.36
C LYS A 287 -17.14 -2.58 -7.66
N THR A 288 -17.50 -2.75 -6.40
CA THR A 288 -17.06 -3.93 -5.67
C THR A 288 -17.88 -5.12 -6.17
N LEU A 289 -17.47 -6.33 -5.82
CA LEU A 289 -18.23 -7.52 -6.24
C LEU A 289 -19.63 -7.40 -5.64
N GLU A 290 -19.69 -6.93 -4.39
CA GLU A 290 -20.95 -6.77 -3.68
C GLU A 290 -21.91 -5.86 -4.44
N GLU A 291 -21.40 -4.73 -4.92
CA GLU A 291 -22.21 -3.78 -5.68
C GLU A 291 -22.71 -4.36 -7.00
N GLN A 292 -21.99 -5.34 -7.52
CA GLN A 292 -22.36 -5.97 -8.78
C GLN A 292 -23.18 -7.25 -8.56
N GLY A 293 -23.40 -7.60 -7.30
CA GLY A 293 -24.14 -8.81 -7.00
C GLY A 293 -23.39 -10.06 -7.42
N LEU A 294 -22.07 -9.96 -7.45
CA LEU A 294 -21.22 -11.08 -7.83
C LEU A 294 -20.52 -11.72 -6.64
ZN ZEM B . 3.65 -0.93 6.17
NA ZEM B . 4.88 -2.40 6.92
NB ZEM B . 5.12 0.43 6.57
NC ZEM B . 2.66 0.39 5.01
ND ZEM B . 2.33 -2.37 5.57
C1A ZEM B . 4.60 -3.75 6.97
CHA ZEM B . 3.44 -4.35 6.48
C4D ZEM B . 2.38 -3.71 5.86
C1B ZEM B . 6.35 0.22 7.15
CHB ZEM B . 6.85 -1.03 7.57
OZ ZEM B . 8.07 -1.07 8.12
C4A ZEM B . 6.15 -2.25 7.45
C1C ZEM B . 3.01 1.73 4.83
CHC ZEM B . 4.11 2.35 5.39
C4B ZEM B . 5.09 1.76 6.20
C1D ZEM B . 1.20 -2.19 4.79
CHD ZEM B . 0.85 -1.02 4.14
C4C ZEM B . 1.53 0.19 4.23
C2A ZEM B . 5.64 -4.44 7.68
CAA ZEM B . 5.61 -5.91 8.06
C3A ZEM B . 6.59 -3.53 7.97
CMA ZEM B . 7.86 -3.89 8.75
CBA ZEM B . 6.08 -6.84 6.96
CGA ZEM B . 5.98 -8.30 7.36
O1A ZEM B . 6.52 -8.65 8.43
O2A ZEM B . 5.35 -9.07 6.61
C2B ZEM B . 7.01 1.50 7.35
CMB ZEM B . 8.35 1.75 8.04
C3B ZEM B . 6.21 2.45 6.80
CAB ZEM B . 6.39 3.85 6.80
CBB ZEM B . 6.88 4.63 7.92
C2C ZEM B . 2.06 2.36 3.95
CMC ZEM B . 2.09 3.84 3.54
C3C ZEM B . 1.18 1.40 3.53
CAC ZEM B . 0.15 1.52 2.58
CBC ZEM B . -0.71 2.67 2.37
C2D ZEM B . 0.38 -3.39 4.90
CMD ZEM B . -1.07 -3.52 4.44
C3D ZEM B . 1.10 -4.31 5.56
CAD ZEM B . 0.65 -5.72 5.96
CBD ZEM B . 1.16 -6.76 4.97
CGD ZEM B . 0.81 -8.19 5.36
O1D ZEM B . 1.36 -9.13 4.73
O2D ZEM B . 0.00 -8.39 6.30
#